data_7E37
#
_entry.id   7E37
#
_cell.length_a   101.050
_cell.length_b   158.287
_cell.length_c   51.874
_cell.angle_alpha   90.000
_cell.angle_beta   90.000
_cell.angle_gamma   90.000
#
_symmetry.space_group_name_H-M   'P 21 21 2'
#
loop_
_entity.id
_entity.type
_entity.pdbx_description
1 polymer 'Deoxypodophyllotoxin synthase'
2 non-polymer 'FE (III) ION'
3 non-polymer '2-OXOGLUTARIC ACID'
4 water water
#
_entity_poly.entity_id   1
_entity_poly.type   'polypeptide(L)'
_entity_poly.pdbx_seq_one_letter_code
;MGSTAPLRLPVIDLSMKNLKPGTTSWNSVRTQVREALEEYGCFEAVIDAVSPELQKAVCNKGHELLNLPLETKMLNGNKP
EYDGFTSIPNLNEGMGVGRITDLEKVERFTNLMWPEGNKDFCETVYSYGKRMAEVDHILKMMVFESFGMEKHFDSFCEST
NYLLHFMRYQQPGKDGRSPALSLHKDKSILTIVNQNDVKGLEFETKDGEWILPTADNHIVLLGDCFMAWSNGRLHSPLHR
VTLVANQARLSTSSFSFPKDIIETPAELVDEEHPLLFNPFEITELLAYCFTKEGAKAVCDLKQYKAYTGALEHHHHHH
;
_entity_poly.pdbx_strand_id   A,B
#
loop_
_chem_comp.id
_chem_comp.type
_chem_comp.name
_chem_comp.formula
AKG non-polymer '2-OXOGLUTARIC ACID' 'C5 H6 O5'
FE non-polymer 'FE (III) ION' 'Fe 3'
#
# COMPACT_ATOMS: atom_id res chain seq x y z
N PRO A 6 -1.03 -16.00 5.24
CA PRO A 6 -1.54 -15.03 6.22
C PRO A 6 -2.46 -14.01 5.56
N LEU A 7 -3.58 -13.70 6.21
CA LEU A 7 -4.61 -12.85 5.62
C LEU A 7 -4.28 -11.38 5.86
N ARG A 8 -4.40 -10.57 4.82
CA ARG A 8 -4.25 -9.13 4.95
C ARG A 8 -5.37 -8.47 4.16
N LEU A 9 -5.87 -7.36 4.69
CA LEU A 9 -6.83 -6.56 3.93
C LEU A 9 -6.20 -6.09 2.63
N PRO A 10 -6.99 -5.88 1.58
CA PRO A 10 -6.45 -5.26 0.37
C PRO A 10 -5.86 -3.90 0.71
N VAL A 11 -4.80 -3.54 -0.03
CA VAL A 11 -4.11 -2.27 0.16
C VAL A 11 -4.37 -1.42 -1.08
N ILE A 12 -5.11 -0.33 -0.92
CA ILE A 12 -5.57 0.50 -2.03
C ILE A 12 -4.96 1.89 -1.92
N ASP A 13 -4.50 2.42 -3.06
CA ASP A 13 -3.82 3.71 -3.10
C ASP A 13 -4.84 4.81 -3.41
N LEU A 14 -5.23 5.56 -2.39
CA LEU A 14 -6.14 6.69 -2.55
C LEU A 14 -5.41 8.03 -2.60
N SER A 15 -4.13 8.04 -3.00
CA SER A 15 -3.42 9.30 -3.13
CA SER A 15 -3.41 9.29 -3.15
C SER A 15 -4.13 10.22 -4.11
N MET A 16 -4.02 11.53 -3.87
CA MET A 16 -4.73 12.51 -4.69
C MET A 16 -4.46 12.34 -6.18
N LYS A 17 -3.27 11.87 -6.55
CA LYS A 17 -2.92 11.69 -7.95
C LYS A 17 -3.77 10.63 -8.64
N ASN A 18 -4.42 9.75 -7.88
CA ASN A 18 -5.31 8.74 -8.44
C ASN A 18 -6.78 9.17 -8.46
N LEU A 19 -7.11 10.31 -7.85
CA LEU A 19 -8.50 10.67 -7.60
C LEU A 19 -9.03 11.72 -8.56
N LYS A 20 -8.71 11.61 -9.84
CA LYS A 20 -9.26 12.49 -10.87
C LYS A 20 -10.26 11.71 -11.70
N PRO A 21 -11.54 12.09 -11.68
CA PRO A 21 -12.56 11.28 -12.36
C PRO A 21 -12.27 11.13 -13.86
N GLY A 22 -12.63 9.96 -14.39
CA GLY A 22 -12.47 9.66 -15.79
C GLY A 22 -11.11 9.13 -16.19
N THR A 23 -10.09 9.25 -15.34
CA THR A 23 -8.77 8.75 -15.67
C THR A 23 -8.70 7.24 -15.44
N THR A 24 -7.70 6.62 -16.06
CA THR A 24 -7.55 5.18 -15.91
C THR A 24 -7.17 4.79 -14.49
N SER A 25 -6.46 5.67 -13.77
CA SER A 25 -6.11 5.36 -12.40
C SER A 25 -7.33 5.44 -11.49
N TRP A 26 -8.21 6.41 -11.74
CA TRP A 26 -9.50 6.45 -11.05
C TRP A 26 -10.28 5.16 -11.25
N ASN A 27 -10.36 4.70 -12.49
CA ASN A 27 -11.14 3.50 -12.80
C ASN A 27 -10.56 2.27 -12.14
N SER A 28 -9.23 2.16 -12.08
CA SER A 28 -8.65 0.97 -11.48
C SER A 28 -8.81 0.98 -9.96
N VAL A 29 -8.74 2.15 -9.34
CA VAL A 29 -8.99 2.25 -7.91
C VAL A 29 -10.46 2.00 -7.61
N ARG A 30 -11.37 2.53 -8.45
CA ARG A 30 -12.79 2.27 -8.25
C ARG A 30 -13.08 0.78 -8.27
N THR A 31 -12.49 0.04 -9.22
CA THR A 31 -12.70 -1.39 -9.27
C THR A 31 -12.20 -2.08 -8.00
N GLN A 32 -11.03 -1.68 -7.52
CA GLN A 32 -10.49 -2.29 -6.31
C GLN A 32 -11.32 -1.95 -5.08
N VAL A 33 -11.79 -0.70 -5.00
CA VAL A 33 -12.59 -0.28 -3.85
C VAL A 33 -13.88 -1.08 -3.78
N ARG A 34 -14.55 -1.26 -4.93
CA ARG A 34 -15.79 -2.03 -4.94
C ARG A 34 -15.55 -3.47 -4.55
N GLU A 35 -14.48 -4.09 -5.09
CA GLU A 35 -14.17 -5.48 -4.77
C GLU A 35 -13.86 -5.66 -3.29
N ALA A 36 -13.05 -4.76 -2.74
CA ALA A 36 -12.69 -4.86 -1.32
C ALA A 36 -13.91 -4.66 -0.43
N LEU A 37 -14.72 -3.65 -0.73
CA LEU A 37 -15.91 -3.39 0.07
C LEU A 37 -16.94 -4.49 -0.07
N GLU A 38 -16.93 -5.22 -1.19
CA GLU A 38 -17.87 -6.32 -1.37
C GLU A 38 -17.43 -7.58 -0.64
N GLU A 39 -16.12 -7.88 -0.66
CA GLU A 39 -15.66 -9.12 -0.04
C GLU A 39 -15.26 -8.94 1.43
N TYR A 40 -14.50 -7.89 1.74
CA TYR A 40 -14.03 -7.64 3.09
C TYR A 40 -14.84 -6.59 3.83
N GLY A 41 -15.48 -5.68 3.12
CA GLY A 41 -16.10 -4.53 3.76
C GLY A 41 -15.13 -3.48 4.24
N CYS A 42 -13.85 -3.61 3.91
CA CYS A 42 -12.83 -2.69 4.42
C CYS A 42 -11.56 -2.90 3.62
N PHE A 43 -10.63 -1.98 3.77
CA PHE A 43 -9.32 -2.11 3.14
C PHE A 43 -8.36 -1.13 3.82
N GLU A 44 -7.07 -1.45 3.72
CA GLU A 44 -6.03 -0.49 4.04
C GLU A 44 -5.94 0.54 2.93
N ALA A 45 -5.72 1.79 3.30
CA ALA A 45 -5.75 2.87 2.32
C ALA A 45 -4.54 3.78 2.49
N VAL A 46 -3.90 4.11 1.36
CA VAL A 46 -2.90 5.16 1.31
C VAL A 46 -3.65 6.45 1.04
N ILE A 47 -3.62 7.38 1.99
CA ILE A 47 -4.38 8.62 1.91
C ILE A 47 -3.41 9.77 2.15
N ASP A 48 -3.29 10.67 1.18
CA ASP A 48 -2.42 11.84 1.35
C ASP A 48 -3.21 13.14 1.40
N ALA A 49 -4.54 13.08 1.51
CA ALA A 49 -5.32 14.29 1.68
C ALA A 49 -4.99 15.04 2.97
N VAL A 50 -4.42 14.35 3.94
CA VAL A 50 -4.01 14.94 5.22
C VAL A 50 -2.52 14.73 5.37
N SER A 51 -1.79 15.81 5.63
CA SER A 51 -0.34 15.73 5.78
C SER A 51 0.02 14.94 7.05
N PRO A 52 1.24 14.41 7.12
CA PRO A 52 1.69 13.81 8.39
C PRO A 52 1.63 14.80 9.55
N GLU A 53 2.01 16.05 9.31
CA GLU A 53 1.97 17.05 10.38
C GLU A 53 0.55 17.27 10.88
N LEU A 54 -0.40 17.44 9.97
CA LEU A 54 -1.78 17.61 10.38
C LEU A 54 -2.32 16.36 11.07
N GLN A 55 -1.95 15.17 10.56
CA GLN A 55 -2.41 13.94 11.21
C GLN A 55 -1.89 13.85 12.63
N LYS A 56 -0.62 14.19 12.85
CA LYS A 56 -0.07 14.20 14.19
C LYS A 56 -0.71 15.28 15.06
N ALA A 57 -0.95 16.47 14.49
CA ALA A 57 -1.58 17.53 15.26
C ALA A 57 -2.99 17.14 15.71
N VAL A 58 -3.75 16.50 14.83
CA VAL A 58 -5.09 16.05 15.18
C VAL A 58 -5.05 15.02 16.30
N CYS A 59 -4.09 14.11 16.24
CA CYS A 59 -3.87 13.17 17.34
C CYS A 59 -3.68 13.91 18.66
N ASN A 60 -2.84 14.95 18.66
CA ASN A 60 -2.62 15.72 19.88
C ASN A 60 -3.91 16.40 20.36
N LYS A 61 -4.72 16.90 19.42
CA LYS A 61 -5.99 17.51 19.82
C LYS A 61 -6.92 16.48 20.45
N GLY A 62 -6.87 15.24 19.99
CA GLY A 62 -7.66 14.19 20.62
C GLY A 62 -7.24 13.94 22.05
N HIS A 63 -5.93 13.82 22.28
CA HIS A 63 -5.42 13.71 23.65
C HIS A 63 -5.78 14.95 24.46
N GLU A 64 -5.67 16.13 23.87
CA GLU A 64 -6.05 17.36 24.57
C GLU A 64 -7.52 17.33 24.97
N LEU A 65 -8.39 16.84 24.08
CA LEU A 65 -9.82 16.84 24.36
C LEU A 65 -10.17 15.82 25.43
N LEU A 66 -9.68 14.59 25.29
CA LEU A 66 -10.00 13.54 26.24
C LEU A 66 -9.33 13.77 27.59
N ASN A 67 -8.33 14.65 27.65
CA ASN A 67 -7.68 14.98 28.91
C ASN A 67 -8.49 15.95 29.77
N LEU A 68 -9.55 16.54 29.21
CA LEU A 68 -10.38 17.46 29.97
C LEU A 68 -11.08 16.73 31.11
N PRO A 69 -11.52 17.46 32.14
CA PRO A 69 -12.25 16.82 33.23
C PRO A 69 -13.57 16.22 32.72
N LEU A 70 -14.05 15.22 33.45
CA LEU A 70 -15.26 14.52 33.04
C LEU A 70 -16.44 15.48 32.87
N GLU A 71 -16.65 16.37 33.85
CA GLU A 71 -17.79 17.27 33.77
C GLU A 71 -17.69 18.21 32.58
N THR A 72 -16.47 18.54 32.15
CA THR A 72 -16.31 19.35 30.94
C THR A 72 -16.71 18.55 29.69
N LYS A 73 -16.21 17.31 29.59
CA LYS A 73 -16.52 16.51 28.41
C LYS A 73 -18.01 16.16 28.34
N MET A 74 -18.68 16.03 29.49
CA MET A 74 -20.11 15.77 29.46
C MET A 74 -20.94 16.95 28.98
N LEU A 75 -20.33 18.13 28.84
CA LEU A 75 -21.03 19.24 28.20
C LEU A 75 -21.39 18.94 26.75
N ASN A 76 -20.71 17.96 26.13
CA ASN A 76 -21.02 17.58 24.76
C ASN A 76 -22.31 16.78 24.65
N GLY A 77 -22.98 16.49 25.76
CA GLY A 77 -24.31 15.90 25.74
C GLY A 77 -24.29 14.43 26.11
N ASN A 78 -25.46 13.82 25.97
CA ASN A 78 -25.68 12.44 26.40
C ASN A 78 -26.13 11.56 25.23
N LYS A 79 -25.47 11.71 24.09
CA LYS A 79 -25.70 10.86 22.92
C LYS A 79 -24.40 10.15 22.56
N PRO A 80 -23.98 9.17 23.36
CA PRO A 80 -22.73 8.45 23.05
C PRO A 80 -22.79 7.64 21.77
N GLU A 81 -23.98 7.40 21.21
CA GLU A 81 -24.09 6.76 19.91
C GLU A 81 -23.53 7.64 18.80
N TYR A 82 -23.37 8.94 19.05
CA TYR A 82 -22.84 9.87 18.05
C TYR A 82 -21.58 10.55 18.56
N ASP A 83 -21.73 11.61 19.35
CA ASP A 83 -20.59 12.42 19.76
C ASP A 83 -20.37 12.48 21.27
N GLY A 84 -21.29 11.95 22.08
CA GLY A 84 -21.19 12.12 23.53
C GLY A 84 -20.06 11.32 24.13
N PHE A 85 -19.55 11.83 25.26
CA PHE A 85 -18.45 11.15 25.93
C PHE A 85 -18.91 9.79 26.44
N THR A 86 -18.03 8.80 26.32
CA THR A 86 -18.30 7.45 26.76
C THR A 86 -17.04 6.87 27.34
N SER A 87 -17.19 5.86 28.20
CA SER A 87 -16.04 5.34 28.92
C SER A 87 -16.34 3.96 29.48
N ILE A 88 -15.42 3.02 29.29
CA ILE A 88 -15.40 1.76 30.01
C ILE A 88 -14.29 1.84 31.05
N PRO A 89 -14.60 1.77 32.35
CA PRO A 89 -13.60 2.07 33.38
C PRO A 89 -12.33 1.24 33.20
N ASN A 90 -11.19 1.94 33.25
CA ASN A 90 -9.88 1.31 33.17
C ASN A 90 -9.67 0.56 31.87
N LEU A 91 -10.34 0.98 30.79
CA LEU A 91 -10.23 0.28 29.53
C LEU A 91 -10.20 1.22 28.33
N ASN A 92 -11.23 2.04 28.16
CA ASN A 92 -11.28 2.96 27.03
C ASN A 92 -12.19 4.14 27.36
N GLU A 93 -12.08 5.16 26.53
CA GLU A 93 -12.90 6.37 26.63
C GLU A 93 -12.89 7.02 25.25
N GLY A 94 -13.90 7.85 25.00
CA GLY A 94 -13.96 8.54 23.73
C GLY A 94 -15.10 9.53 23.67
N MET A 95 -14.99 10.46 22.72
CA MET A 95 -16.08 11.34 22.32
C MET A 95 -15.80 11.81 20.91
N GLY A 96 -16.75 12.57 20.36
CA GLY A 96 -16.63 13.08 19.02
C GLY A 96 -16.93 14.56 18.94
N VAL A 97 -16.48 15.16 17.83
CA VAL A 97 -16.87 16.51 17.44
C VAL A 97 -17.92 16.35 16.35
N GLY A 98 -19.18 16.53 16.71
CA GLY A 98 -20.25 16.35 15.76
C GLY A 98 -20.25 17.45 14.71
N ARG A 99 -20.67 17.08 13.50
CA ARG A 99 -20.84 18.01 12.38
C ARG A 99 -19.55 18.77 12.11
N ILE A 100 -18.45 18.01 11.97
CA ILE A 100 -17.11 18.57 11.90
C ILE A 100 -16.91 19.45 10.67
N THR A 101 -17.72 19.28 9.63
CA THR A 101 -17.60 20.10 8.43
C THR A 101 -18.42 21.39 8.50
N ASP A 102 -19.10 21.63 9.62
CA ASP A 102 -19.85 22.86 9.85
C ASP A 102 -19.03 23.72 10.79
N LEU A 103 -18.34 24.74 10.23
CA LEU A 103 -17.44 25.56 11.02
C LEU A 103 -18.13 26.16 12.23
N GLU A 104 -19.37 26.64 12.05
CA GLU A 104 -20.12 27.19 13.17
C GLU A 104 -20.30 26.17 14.28
N LYS A 105 -20.54 24.90 13.92
CA LYS A 105 -20.66 23.86 14.93
C LYS A 105 -19.33 23.60 15.63
N VAL A 106 -18.24 23.60 14.87
CA VAL A 106 -16.92 23.36 15.47
C VAL A 106 -16.55 24.50 16.42
N GLU A 107 -16.79 25.74 16.00
CA GLU A 107 -16.54 26.88 16.90
C GLU A 107 -17.36 26.77 18.17
N ARG A 108 -18.64 26.40 18.04
CA ARG A 108 -19.49 26.20 19.19
C ARG A 108 -18.91 25.14 20.14
N PHE A 109 -18.56 23.98 19.58
CA PHE A 109 -17.96 22.92 20.39
C PHE A 109 -16.74 23.43 21.13
N THR A 110 -15.84 24.12 20.42
CA THR A 110 -14.60 24.58 21.03
C THR A 110 -14.88 25.54 22.18
N ASN A 111 -15.79 26.49 21.99
CA ASN A 111 -16.13 27.43 23.05
C ASN A 111 -16.70 26.70 24.26
N LEU A 112 -17.46 25.63 24.02
CA LEU A 112 -17.99 24.83 25.12
C LEU A 112 -16.87 24.18 25.91
N MET A 113 -15.91 23.56 25.22
CA MET A 113 -14.82 22.85 25.88
C MET A 113 -13.79 23.82 26.45
N TRP A 114 -13.45 24.88 25.72
CA TRP A 114 -12.42 25.85 26.10
C TRP A 114 -12.99 27.25 26.03
N PRO A 115 -13.75 27.67 27.05
CA PRO A 115 -14.37 29.01 27.01
C PRO A 115 -13.36 30.13 26.84
N GLU A 116 -12.16 29.98 27.39
CA GLU A 116 -11.11 30.98 27.21
C GLU A 116 -10.58 31.02 25.79
N GLY A 117 -10.97 30.07 24.93
CA GLY A 117 -10.51 30.04 23.57
C GLY A 117 -9.46 28.97 23.32
N ASN A 118 -9.64 28.18 22.25
CA ASN A 118 -8.63 27.22 21.80
C ASN A 118 -8.66 27.23 20.26
N LYS A 119 -7.94 28.20 19.71
CA LYS A 119 -8.00 28.47 18.28
C LYS A 119 -7.32 27.38 17.48
N ASP A 120 -6.18 26.89 17.96
CA ASP A 120 -5.46 25.84 17.24
C ASP A 120 -6.26 24.53 17.23
N PHE A 121 -7.02 24.25 18.28
CA PHE A 121 -7.91 23.08 18.25
C PHE A 121 -8.94 23.22 17.14
N CYS A 122 -9.67 24.33 17.15
CA CYS A 122 -10.76 24.52 16.18
C CYS A 122 -10.26 24.44 14.75
N GLU A 123 -9.16 25.15 14.44
CA GLU A 123 -8.63 25.14 13.08
C GLU A 123 -8.10 23.77 12.69
N THR A 124 -7.50 23.05 13.63
CA THR A 124 -6.89 21.77 13.28
C THR A 124 -7.96 20.73 12.96
N VAL A 125 -8.97 20.57 13.83
CA VAL A 125 -9.95 19.52 13.59
C VAL A 125 -10.86 19.88 12.41
N TYR A 126 -11.17 21.17 12.23
CA TYR A 126 -11.98 21.59 11.08
C TYR A 126 -11.27 21.26 9.77
N SER A 127 -9.97 21.58 9.70
CA SER A 127 -9.20 21.27 8.50
C SER A 127 -9.16 19.77 8.24
N TYR A 128 -8.99 18.99 9.30
CA TYR A 128 -8.93 17.53 9.16
C TYR A 128 -10.25 16.98 8.66
N GLY A 129 -11.35 17.41 9.27
CA GLY A 129 -12.65 16.88 8.89
C GLY A 129 -13.04 17.20 7.45
N LYS A 130 -12.71 18.42 7.00
CA LYS A 130 -13.03 18.79 5.62
C LYS A 130 -12.23 17.97 4.63
N ARG A 131 -10.94 17.75 4.93
CA ARG A 131 -10.11 16.94 4.04
C ARG A 131 -10.59 15.50 4.01
N MET A 132 -10.93 14.93 5.17
CA MET A 132 -11.40 13.56 5.19
C MET A 132 -12.80 13.43 4.63
N ALA A 133 -13.58 14.52 4.63
CA ALA A 133 -14.88 14.44 3.99
C ALA A 133 -14.75 14.38 2.47
N GLU A 134 -13.73 15.03 1.91
CA GLU A 134 -13.51 14.94 0.48
C GLU A 134 -13.15 13.53 0.05
N VAL A 135 -12.32 12.84 0.84
CA VAL A 135 -12.00 11.45 0.54
C VAL A 135 -13.24 10.58 0.62
N ASP A 136 -14.02 10.75 1.69
CA ASP A 136 -15.30 10.07 1.83
C ASP A 136 -16.19 10.32 0.62
N HIS A 137 -16.25 11.57 0.16
CA HIS A 137 -17.09 11.90 -0.99
C HIS A 137 -16.64 11.14 -2.24
N ILE A 138 -15.34 11.17 -2.52
CA ILE A 138 -14.81 10.48 -3.70
C ILE A 138 -15.09 8.98 -3.62
N LEU A 139 -14.89 8.38 -2.45
CA LEU A 139 -15.11 6.95 -2.30
C LEU A 139 -16.56 6.57 -2.62
N LYS A 140 -17.51 7.33 -2.09
CA LYS A 140 -18.93 7.07 -2.37
C LYS A 140 -19.22 7.26 -3.85
N MET A 141 -18.59 8.27 -4.47
CA MET A 141 -18.78 8.49 -5.89
C MET A 141 -18.31 7.28 -6.69
N MET A 142 -17.18 6.69 -6.29
CA MET A 142 -16.68 5.49 -6.95
C MET A 142 -17.65 4.33 -6.75
N VAL A 143 -18.12 4.13 -5.52
CA VAL A 143 -19.05 3.02 -5.24
C VAL A 143 -20.32 3.17 -6.07
N PHE A 144 -20.87 4.39 -6.13
CA PHE A 144 -22.07 4.63 -6.92
C PHE A 144 -21.82 4.35 -8.41
N GLU A 145 -20.65 4.75 -8.91
CA GLU A 145 -20.31 4.46 -10.29
C GLU A 145 -20.23 2.96 -10.54
N SER A 146 -19.68 2.21 -9.58
CA SER A 146 -19.54 0.77 -9.77
C SER A 146 -20.89 0.07 -9.86
N PHE A 147 -21.95 0.69 -9.36
CA PHE A 147 -23.29 0.13 -9.43
C PHE A 147 -24.14 0.77 -10.53
N GLY A 148 -23.56 1.67 -11.32
CA GLY A 148 -24.33 2.41 -12.30
C GLY A 148 -25.39 3.30 -11.71
N MET A 149 -25.19 3.74 -10.46
CA MET A 149 -26.18 4.50 -9.71
C MET A 149 -25.87 5.99 -9.67
N GLU A 150 -25.11 6.50 -10.66
CA GLU A 150 -24.67 7.89 -10.64
C GLU A 150 -25.83 8.87 -10.50
N LYS A 151 -26.99 8.55 -11.07
CA LYS A 151 -28.13 9.47 -11.04
C LYS A 151 -28.68 9.67 -9.63
N HIS A 152 -28.37 8.77 -8.69
CA HIS A 152 -28.81 8.92 -7.30
C HIS A 152 -27.77 9.56 -6.41
N PHE A 153 -26.60 9.91 -6.95
CA PHE A 153 -25.47 10.27 -6.10
C PHE A 153 -25.67 11.62 -5.43
N ASP A 154 -26.03 12.65 -6.22
CA ASP A 154 -26.15 14.00 -5.67
C ASP A 154 -27.15 14.05 -4.53
N SER A 155 -28.32 13.42 -4.72
CA SER A 155 -29.35 13.42 -3.67
C SER A 155 -28.90 12.66 -2.43
N PHE A 156 -28.11 11.60 -2.61
CA PHE A 156 -27.63 10.82 -1.48
C PHE A 156 -26.64 11.62 -0.63
N CYS A 157 -25.84 12.49 -1.27
CA CYS A 157 -24.79 13.23 -0.58
C CYS A 157 -25.25 14.54 0.01
N GLU A 158 -26.40 15.06 -0.41
CA GLU A 158 -26.88 16.36 0.04
C GLU A 158 -27.00 16.39 1.56
N SER A 159 -26.31 17.35 2.18
CA SER A 159 -26.37 17.55 3.63
C SER A 159 -25.87 16.33 4.39
N THR A 160 -24.81 15.70 3.89
CA THR A 160 -24.18 14.61 4.61
C THR A 160 -23.64 15.11 5.95
N ASN A 161 -23.80 14.29 6.99
CA ASN A 161 -23.36 14.65 8.33
C ASN A 161 -22.03 13.96 8.60
N TYR A 162 -21.05 14.75 9.05
CA TYR A 162 -19.70 14.23 9.25
C TYR A 162 -19.33 14.32 10.73
N LEU A 163 -18.67 13.27 11.22
CA LEU A 163 -18.31 13.16 12.62
C LEU A 163 -16.82 12.87 12.73
N LEU A 164 -16.14 13.62 13.58
CA LEU A 164 -14.77 13.32 13.98
C LEU A 164 -14.82 12.70 15.37
N HIS A 165 -14.31 11.48 15.51
CA HIS A 165 -14.43 10.72 16.75
C HIS A 165 -13.08 10.21 17.21
N PHE A 166 -12.81 10.31 18.51
CA PHE A 166 -11.57 9.88 19.13
C PHE A 166 -11.87 8.78 20.13
N MET A 167 -11.11 7.69 20.08
CA MET A 167 -11.18 6.60 21.05
C MET A 167 -9.78 6.44 21.64
N ARG A 168 -9.67 6.44 22.96
CA ARG A 168 -8.39 6.25 23.64
C ARG A 168 -8.46 5.02 24.52
N TYR A 169 -7.36 4.25 24.53
CA TYR A 169 -7.27 2.99 25.25
C TYR A 169 -6.01 3.03 26.09
N GLN A 170 -6.17 2.90 27.40
CA GLN A 170 -5.03 2.98 28.30
C GLN A 170 -4.13 1.76 28.14
N GLN A 171 -2.84 1.96 28.42
CA GLN A 171 -1.84 0.90 28.49
C GLN A 171 -2.42 -0.32 29.20
N PRO A 172 -2.42 -1.50 28.58
CA PRO A 172 -3.03 -2.67 29.22
C PRO A 172 -2.17 -3.29 30.31
N GLY A 173 -0.90 -2.94 30.40
CA GLY A 173 -0.03 -3.45 31.44
C GLY A 173 0.55 -4.83 31.18
N LYS A 174 0.41 -5.35 29.97
CA LYS A 174 0.90 -6.70 29.68
C LYS A 174 1.06 -6.85 28.18
N ASP A 175 1.84 -7.87 27.81
CA ASP A 175 2.04 -8.24 26.41
C ASP A 175 0.89 -9.15 25.98
N GLY A 176 0.99 -9.71 24.78
CA GLY A 176 -0.08 -10.56 24.29
C GLY A 176 -1.32 -9.74 23.97
N ARG A 177 -2.41 -10.46 23.76
CA ARG A 177 -3.66 -9.86 23.31
C ARG A 177 -4.47 -9.34 24.49
N SER A 178 -4.88 -8.06 24.40
CA SER A 178 -5.72 -7.44 25.44
C SER A 178 -6.93 -6.81 24.77
N PRO A 179 -8.08 -7.47 24.84
CA PRO A 179 -9.31 -6.88 24.29
C PRO A 179 -9.57 -5.49 24.86
N ALA A 180 -9.92 -4.55 23.97
CA ALA A 180 -10.06 -3.16 24.35
C ALA A 180 -11.33 -2.48 23.86
N LEU A 181 -12.00 -3.01 22.85
CA LEU A 181 -13.28 -2.49 22.38
C LEU A 181 -14.09 -3.65 21.85
N SER A 182 -15.37 -3.70 22.21
CA SER A 182 -16.15 -4.89 21.90
C SER A 182 -16.61 -4.88 20.44
N LEU A 183 -16.99 -6.07 19.97
CA LEU A 183 -17.34 -6.28 18.58
C LEU A 183 -18.58 -5.50 18.20
N HIS A 184 -18.60 -4.98 16.97
CA HIS A 184 -19.72 -4.16 16.49
C HIS A 184 -19.57 -3.96 14.99
N LYS A 185 -20.65 -3.48 14.38
CA LYS A 185 -20.61 -2.88 13.06
C LYS A 185 -20.84 -1.39 13.21
N ASP A 186 -20.17 -0.59 12.37
CA ASP A 186 -20.44 0.83 12.35
C ASP A 186 -21.80 1.09 11.70
N LYS A 187 -22.48 2.13 12.17
CA LYS A 187 -23.75 2.57 11.60
C LYS A 187 -23.58 3.73 10.64
N SER A 188 -22.36 3.92 10.14
CA SER A 188 -22.04 5.00 9.23
C SER A 188 -22.34 4.61 7.79
N ILE A 189 -22.12 5.54 6.87
CA ILE A 189 -21.96 5.19 5.47
C ILE A 189 -20.56 4.62 5.23
N LEU A 190 -19.54 5.45 5.43
CA LEU A 190 -18.16 5.02 5.46
C LEU A 190 -17.50 5.52 6.74
N THR A 191 -16.50 4.78 7.21
CA THR A 191 -15.66 5.23 8.31
C THR A 191 -14.19 5.15 7.87
N ILE A 192 -13.43 6.21 8.14
CA ILE A 192 -12.02 6.29 7.82
C ILE A 192 -11.24 6.41 9.13
N VAL A 193 -10.30 5.51 9.36
CA VAL A 193 -9.65 5.37 10.67
C VAL A 193 -8.14 5.54 10.51
N ASN A 194 -7.55 6.35 11.39
CA ASN A 194 -6.11 6.39 11.56
C ASN A 194 -5.79 5.90 12.96
N GLN A 195 -4.91 4.89 13.06
CA GLN A 195 -4.57 4.28 14.34
C GLN A 195 -3.42 4.98 15.04
N ASN A 196 -2.92 6.07 14.47
CA ASN A 196 -1.87 6.88 15.10
C ASN A 196 -0.72 6.01 15.58
N ASP A 197 -0.31 5.06 14.74
CA ASP A 197 0.90 4.24 14.87
C ASP A 197 0.78 3.12 15.90
N VAL A 198 -0.39 2.85 16.45
CA VAL A 198 -0.57 1.73 17.40
C VAL A 198 -1.74 0.90 16.89
N LYS A 199 -1.44 -0.30 16.40
CA LYS A 199 -2.43 -1.18 15.83
C LYS A 199 -3.35 -1.72 16.92
N GLY A 200 -4.45 -2.34 16.50
CA GLY A 200 -5.43 -2.87 17.42
C GLY A 200 -6.76 -3.17 16.77
N LEU A 201 -7.14 -2.32 15.80
CA LEU A 201 -8.35 -2.57 15.02
C LEU A 201 -8.26 -3.92 14.32
N GLU A 202 -9.29 -4.74 14.50
CA GLU A 202 -9.27 -6.14 14.08
C GLU A 202 -10.62 -6.48 13.47
N PHE A 203 -10.61 -7.07 12.27
CA PHE A 203 -11.83 -7.34 11.52
C PHE A 203 -12.11 -8.83 11.43
N GLU A 204 -13.39 -9.19 11.45
CA GLU A 204 -13.79 -10.55 11.13
C GLU A 204 -14.12 -10.65 9.65
N THR A 205 -13.66 -11.72 9.03
CA THR A 205 -14.05 -11.99 7.65
C THR A 205 -15.41 -12.70 7.62
N LYS A 206 -16.00 -12.74 6.43
CA LYS A 206 -17.23 -13.49 6.24
C LYS A 206 -17.09 -14.93 6.69
N ASP A 207 -15.89 -15.49 6.54
CA ASP A 207 -15.61 -16.87 6.87
C ASP A 207 -15.25 -17.07 8.35
N GLY A 208 -15.23 -16.00 9.14
CA GLY A 208 -14.93 -16.16 10.55
C GLY A 208 -13.46 -16.17 10.90
N GLU A 209 -12.61 -15.65 10.01
CA GLU A 209 -11.22 -15.41 10.31
C GLU A 209 -11.05 -13.97 10.78
N TRP A 210 -9.91 -13.69 11.42
CA TRP A 210 -9.64 -12.37 11.98
C TRP A 210 -8.41 -11.77 11.33
N ILE A 211 -8.51 -10.50 10.96
CA ILE A 211 -7.42 -9.78 10.29
C ILE A 211 -7.09 -8.55 11.12
N LEU A 212 -5.86 -8.47 11.61
CA LEU A 212 -5.40 -7.35 12.42
C LEU A 212 -4.34 -6.59 11.65
N PRO A 213 -4.70 -5.51 10.95
CA PRO A 213 -3.71 -4.81 10.13
C PRO A 213 -2.61 -4.18 10.98
N THR A 214 -1.45 -4.02 10.36
CA THR A 214 -0.43 -3.15 10.93
C THR A 214 -0.94 -1.71 10.91
N ALA A 215 -0.21 -0.83 11.61
CA ALA A 215 -0.55 0.58 11.63
C ALA A 215 0.11 1.37 10.50
N ASP A 216 0.52 0.69 9.42
CA ASP A 216 1.20 1.37 8.32
C ASP A 216 0.30 2.39 7.64
N ASN A 217 -0.96 2.04 7.40
CA ASN A 217 -1.83 2.81 6.52
C ASN A 217 -3.13 3.19 7.24
N HIS A 218 -3.93 4.02 6.57
CA HIS A 218 -5.29 4.26 7.02
C HIS A 218 -6.12 3.00 6.83
N ILE A 219 -7.27 2.97 7.49
CA ILE A 219 -8.26 1.91 7.31
C ILE A 219 -9.57 2.58 6.88
N VAL A 220 -10.15 2.07 5.80
CA VAL A 220 -11.49 2.47 5.38
C VAL A 220 -12.39 1.27 5.58
N LEU A 221 -13.55 1.49 6.20
CA LEU A 221 -14.49 0.41 6.43
C LEU A 221 -15.90 0.89 6.16
N LEU A 222 -16.77 -0.05 5.80
CA LEU A 222 -18.13 0.26 5.40
C LEU A 222 -19.09 0.09 6.57
N GLY A 223 -20.01 1.04 6.72
CA GLY A 223 -21.00 1.00 7.77
C GLY A 223 -22.34 0.48 7.26
N ASP A 224 -23.23 0.21 8.23
CA ASP A 224 -24.51 -0.42 7.90
C ASP A 224 -25.35 0.43 6.96
N CYS A 225 -25.20 1.76 7.01
CA CYS A 225 -25.97 2.62 6.12
C CYS A 225 -25.65 2.32 4.66
N PHE A 226 -24.37 2.12 4.35
CA PHE A 226 -23.97 1.82 2.98
C PHE A 226 -24.35 0.39 2.61
N MET A 227 -24.20 -0.54 3.56
CA MET A 227 -24.67 -1.92 3.34
C MET A 227 -26.14 -1.93 2.94
N ALA A 228 -26.96 -1.22 3.71
CA ALA A 228 -28.40 -1.23 3.44
C ALA A 228 -28.74 -0.54 2.13
N TRP A 229 -28.08 0.60 1.84
CA TRP A 229 -28.28 1.26 0.55
C TRP A 229 -28.03 0.29 -0.60
N SER A 230 -26.99 -0.54 -0.46
CA SER A 230 -26.58 -1.48 -1.48
C SER A 230 -27.44 -2.74 -1.51
N ASN A 231 -28.46 -2.84 -0.66
CA ASN A 231 -29.28 -4.04 -0.53
C ASN A 231 -28.41 -5.25 -0.18
N GLY A 232 -27.47 -5.06 0.73
CA GLY A 232 -26.60 -6.14 1.16
C GLY A 232 -25.56 -6.57 0.16
N ARG A 233 -25.44 -5.90 -0.99
CA ARG A 233 -24.41 -6.25 -1.95
C ARG A 233 -23.01 -5.92 -1.44
N LEU A 234 -22.89 -4.87 -0.62
CA LEU A 234 -21.65 -4.56 0.07
C LEU A 234 -21.71 -5.08 1.51
N HIS A 235 -20.55 -5.41 2.05
CA HIS A 235 -20.44 -6.02 3.36
C HIS A 235 -20.03 -4.98 4.39
N SER A 236 -20.81 -4.85 5.47
CA SER A 236 -20.36 -4.05 6.61
C SER A 236 -19.69 -4.97 7.61
N PRO A 237 -18.40 -4.81 7.89
CA PRO A 237 -17.68 -5.84 8.65
C PRO A 237 -17.80 -5.66 10.16
N LEU A 238 -17.91 -6.79 10.85
CA LEU A 238 -17.78 -6.81 12.29
C LEU A 238 -16.33 -6.53 12.66
N HIS A 239 -16.12 -5.66 13.65
CA HIS A 239 -14.76 -5.34 14.03
C HIS A 239 -14.71 -5.01 15.51
N ARG A 240 -13.51 -5.09 16.06
CA ARG A 240 -13.26 -4.85 17.47
C ARG A 240 -11.86 -4.28 17.60
N VAL A 241 -11.42 -4.04 18.82
CA VAL A 241 -10.04 -3.60 19.08
C VAL A 241 -9.39 -4.58 20.04
N THR A 242 -8.23 -5.10 19.64
CA THR A 242 -7.42 -5.96 20.48
C THR A 242 -6.01 -5.40 20.49
N LEU A 243 -5.62 -4.79 21.61
CA LEU A 243 -4.23 -4.37 21.76
C LEU A 243 -3.32 -5.59 21.80
N VAL A 244 -2.16 -5.50 21.16
CA VAL A 244 -1.23 -6.62 21.05
C VAL A 244 0.14 -6.22 21.54
N ALA A 245 0.20 -5.12 22.28
CA ALA A 245 1.44 -4.65 22.89
C ALA A 245 1.09 -3.79 24.08
N ASN A 246 2.05 -3.62 24.98
CA ASN A 246 1.82 -2.86 26.22
C ASN A 246 2.07 -1.37 25.97
N GLN A 247 1.14 -0.76 25.22
CA GLN A 247 1.21 0.67 25.01
C GLN A 247 -0.21 1.22 24.81
N ALA A 248 -0.41 2.44 25.29
CA ALA A 248 -1.67 3.13 25.08
C ALA A 248 -1.90 3.37 23.59
N ARG A 249 -3.15 3.60 23.23
CA ARG A 249 -3.55 3.74 21.84
C ARG A 249 -4.62 4.81 21.74
N LEU A 250 -4.52 5.65 20.71
CA LEU A 250 -5.55 6.61 20.37
C LEU A 250 -5.84 6.48 18.88
N SER A 251 -7.12 6.38 18.53
CA SER A 251 -7.54 6.30 17.14
C SER A 251 -8.31 7.56 16.77
N THR A 252 -8.15 7.99 15.52
CA THR A 252 -8.85 9.11 14.94
C THR A 252 -9.76 8.57 13.84
N SER A 253 -11.06 8.82 13.95
CA SER A 253 -12.02 8.24 13.00
C SER A 253 -12.94 9.31 12.42
N SER A 254 -13.25 9.15 11.14
CA SER A 254 -14.16 10.04 10.41
C SER A 254 -15.33 9.23 9.91
N PHE A 255 -16.53 9.57 10.37
CA PHE A 255 -17.77 8.91 10.00
C PHE A 255 -18.61 9.84 9.13
N SER A 256 -19.24 9.27 8.10
CA SER A 256 -20.27 9.97 7.36
C SER A 256 -21.61 9.31 7.64
N PHE A 257 -22.63 10.14 7.87
CA PHE A 257 -24.00 9.71 8.12
C PHE A 257 -24.94 10.43 7.16
N PRO A 258 -26.04 9.79 6.76
CA PRO A 258 -26.98 10.46 5.87
C PRO A 258 -27.67 11.63 6.55
N LYS A 259 -28.19 12.54 5.74
CA LYS A 259 -28.98 13.64 6.26
C LYS A 259 -30.06 13.12 7.22
N ASP A 260 -30.78 12.08 6.81
CA ASP A 260 -31.80 11.51 7.68
C ASP A 260 -32.14 10.07 7.31
N ILE A 261 -32.64 9.86 6.09
CA ILE A 261 -33.22 8.58 5.66
C ILE A 261 -32.23 7.84 4.77
N ILE A 262 -32.13 6.53 4.98
CA ILE A 262 -31.46 5.62 4.05
C ILE A 262 -32.54 4.81 3.35
N GLU A 263 -32.44 4.70 2.03
CA GLU A 263 -33.42 3.95 1.24
C GLU A 263 -32.70 3.20 0.14
N THR A 264 -33.03 1.92 -0.02
CA THR A 264 -32.40 1.09 -1.04
C THR A 264 -32.96 1.45 -2.41
N PRO A 265 -32.11 1.78 -3.38
CA PRO A 265 -32.59 2.03 -4.75
C PRO A 265 -33.31 0.81 -5.31
N ALA A 266 -34.44 1.07 -5.99
CA ALA A 266 -35.19 -0.01 -6.62
C ALA A 266 -34.33 -0.80 -7.61
N GLU A 267 -33.34 -0.16 -8.22
CA GLU A 267 -32.48 -0.85 -9.17
C GLU A 267 -31.55 -1.85 -8.50
N LEU A 268 -31.35 -1.77 -7.19
CA LEU A 268 -30.53 -2.73 -6.48
C LEU A 268 -31.34 -3.89 -5.90
N VAL A 269 -32.64 -3.96 -6.22
CA VAL A 269 -33.50 -5.05 -5.81
C VAL A 269 -33.92 -5.83 -7.06
N ASP A 270 -33.85 -7.15 -6.99
CA ASP A 270 -34.33 -7.99 -8.08
C ASP A 270 -34.73 -9.36 -7.53
N GLU A 271 -34.99 -10.30 -8.44
CA GLU A 271 -35.53 -11.59 -8.03
C GLU A 271 -34.57 -12.34 -7.12
N GLU A 272 -33.27 -12.28 -7.42
CA GLU A 272 -32.25 -12.92 -6.59
C GLU A 272 -31.80 -12.04 -5.42
N HIS A 273 -32.16 -10.76 -5.42
CA HIS A 273 -31.81 -9.82 -4.35
C HIS A 273 -33.07 -9.10 -3.88
N PRO A 274 -33.97 -9.80 -3.20
CA PRO A 274 -35.16 -9.12 -2.66
C PRO A 274 -34.76 -8.06 -1.64
N LEU A 275 -35.62 -7.06 -1.50
CA LEU A 275 -35.34 -5.95 -0.60
C LEU A 275 -35.14 -6.44 0.84
N LEU A 276 -33.97 -6.14 1.39
CA LEU A 276 -33.66 -6.57 2.75
C LEU A 276 -34.13 -5.56 3.80
N PHE A 277 -34.03 -4.26 3.51
CA PHE A 277 -34.31 -3.23 4.50
C PHE A 277 -35.23 -2.17 3.92
N ASN A 278 -36.31 -1.89 4.64
CA ASN A 278 -37.17 -0.74 4.35
C ASN A 278 -36.44 0.53 4.74
N PRO A 279 -36.92 1.70 4.30
CA PRO A 279 -36.24 2.95 4.68
C PRO A 279 -36.21 3.13 6.20
N PHE A 280 -35.12 3.74 6.70
CA PHE A 280 -34.98 3.98 8.13
C PHE A 280 -34.27 5.30 8.39
N GLU A 281 -34.52 5.85 9.58
CA GLU A 281 -33.88 7.08 10.04
C GLU A 281 -32.61 6.76 10.80
N ILE A 282 -31.52 7.46 10.46
CA ILE A 282 -30.23 7.15 11.07
C ILE A 282 -30.24 7.48 12.56
N THR A 283 -30.87 8.60 12.95
CA THR A 283 -30.85 8.98 14.36
C THR A 283 -31.65 7.99 15.21
N GLU A 284 -32.78 7.51 14.69
CA GLU A 284 -33.53 6.46 15.37
C GLU A 284 -32.69 5.21 15.56
N LEU A 285 -32.00 4.78 14.50
CA LEU A 285 -31.18 3.57 14.57
C LEU A 285 -30.02 3.74 15.54
N LEU A 286 -29.35 4.90 15.51
CA LEU A 286 -28.23 5.12 16.42
C LEU A 286 -28.69 5.05 17.88
N ALA A 287 -29.84 5.67 18.17
CA ALA A 287 -30.36 5.63 19.54
C ALA A 287 -30.83 4.24 19.92
N TYR A 288 -31.36 3.48 18.95
CA TYR A 288 -31.83 2.13 19.23
C TYR A 288 -30.70 1.22 19.68
N CYS A 289 -29.54 1.33 19.03
CA CYS A 289 -28.41 0.45 19.30
C CYS A 289 -27.75 0.71 20.65
N PHE A 290 -28.14 1.77 21.37
CA PHE A 290 -27.56 2.06 22.67
C PHE A 290 -28.57 1.90 23.80
N THR A 291 -29.73 1.30 23.54
CA THR A 291 -30.71 1.02 24.60
C THR A 291 -30.52 -0.38 25.15
N ASP A 300 -25.78 -6.40 13.88
CA ASP A 300 -26.72 -6.89 12.89
C ASP A 300 -27.94 -5.97 12.72
N LEU A 301 -28.02 -5.37 11.53
CA LEU A 301 -29.18 -4.56 11.17
C LEU A 301 -30.43 -5.41 10.98
N LYS A 302 -30.27 -6.70 10.66
CA LYS A 302 -31.43 -7.59 10.56
C LYS A 302 -32.23 -7.64 11.85
N GLN A 303 -31.64 -7.20 12.97
CA GLN A 303 -32.33 -7.17 14.25
C GLN A 303 -33.20 -5.92 14.39
N TYR A 304 -32.95 -4.89 13.59
CA TYR A 304 -33.70 -3.63 13.64
C TYR A 304 -35.02 -3.78 12.90
N LYS A 305 -35.94 -2.83 13.18
CA LYS A 305 -37.29 -2.93 12.63
C LYS A 305 -37.34 -2.73 11.11
N ALA A 306 -36.29 -2.18 10.51
CA ALA A 306 -36.29 -1.99 9.06
C ALA A 306 -36.18 -3.30 8.29
N TYR A 307 -35.69 -4.37 8.91
CA TYR A 307 -35.50 -5.63 8.21
C TYR A 307 -36.84 -6.19 7.76
N THR A 308 -36.89 -6.62 6.50
CA THR A 308 -38.11 -7.11 5.87
C THR A 308 -38.35 -8.60 6.06
N GLY A 309 -37.37 -9.34 6.57
CA GLY A 309 -37.45 -10.78 6.60
C GLY A 309 -37.03 -11.49 5.33
N ALA A 310 -36.71 -10.76 4.27
CA ALA A 310 -36.37 -11.39 2.99
C ALA A 310 -35.02 -12.10 3.07
N LEU A 311 -34.81 -13.03 2.15
CA LEU A 311 -33.59 -13.83 2.15
C LEU A 311 -32.45 -13.07 1.50
N GLU A 312 -31.25 -13.24 2.06
CA GLU A 312 -30.04 -12.72 1.46
C GLU A 312 -29.75 -13.44 0.14
N HIS A 313 -28.85 -12.85 -0.65
CA HIS A 313 -28.62 -13.34 -2.01
C HIS A 313 -28.14 -14.80 -2.01
N HIS A 314 -27.23 -15.15 -1.09
CA HIS A 314 -26.72 -16.51 -1.06
C HIS A 314 -27.76 -17.54 -0.62
N HIS A 315 -28.95 -17.10 -0.21
CA HIS A 315 -30.04 -17.98 0.16
C HIS A 315 -31.14 -18.02 -0.90
N HIS A 316 -30.94 -17.35 -2.04
CA HIS A 316 -31.93 -17.43 -3.11
C HIS A 316 -32.11 -18.88 -3.55
N HIS A 317 -33.37 -19.31 -3.66
CA HIS A 317 -33.67 -20.72 -3.90
C HIS A 317 -33.62 -21.00 -5.40
N HIS A 318 -32.53 -21.63 -5.84
CA HIS A 318 -32.44 -22.13 -7.19
C HIS A 318 -31.69 -23.46 -7.17
N PRO B 6 3.35 16.59 -1.58
CA PRO B 6 4.42 15.62 -1.33
C PRO B 6 4.28 14.39 -2.23
N LEU B 7 5.36 14.01 -2.90
CA LEU B 7 5.33 12.92 -3.86
C LEU B 7 5.57 11.58 -3.18
N ARG B 8 4.87 10.55 -3.65
CA ARG B 8 5.07 9.19 -3.21
C ARG B 8 4.91 8.28 -4.41
N LEU B 9 5.75 7.25 -4.49
CA LEU B 9 5.58 6.25 -5.54
C LEU B 9 4.19 5.63 -5.45
N PRO B 10 3.64 5.14 -6.56
CA PRO B 10 2.40 4.36 -6.47
C PRO B 10 2.62 3.16 -5.55
N VAL B 11 1.56 2.79 -4.85
CA VAL B 11 1.59 1.64 -3.93
C VAL B 11 0.66 0.59 -4.49
N ILE B 12 1.23 -0.55 -4.89
CA ILE B 12 0.51 -1.59 -5.62
C ILE B 12 0.51 -2.86 -4.79
N ASP B 13 -0.64 -3.51 -4.72
CA ASP B 13 -0.83 -4.71 -3.90
C ASP B 13 -0.57 -5.95 -4.76
N LEU B 14 0.61 -6.54 -4.60
CA LEU B 14 0.98 -7.75 -5.32
C LEU B 14 0.78 -9.00 -4.46
N SER B 15 -0.10 -8.95 -3.47
CA SER B 15 -0.32 -10.12 -2.64
C SER B 15 -0.88 -11.26 -3.49
N MET B 16 -0.55 -12.50 -3.11
CA MET B 16 -0.85 -13.66 -3.94
C MET B 16 -2.33 -13.75 -4.31
N LYS B 17 -3.22 -13.26 -3.44
CA LYS B 17 -4.64 -13.30 -3.74
C LYS B 17 -5.02 -12.46 -4.95
N ASN B 18 -4.15 -11.52 -5.35
CA ASN B 18 -4.39 -10.67 -6.50
C ASN B 18 -3.77 -11.22 -7.79
N LEU B 19 -3.02 -12.32 -7.72
CA LEU B 19 -2.15 -12.74 -8.81
C LEU B 19 -2.63 -14.01 -9.52
N LYS B 20 -3.95 -14.16 -9.66
CA LYS B 20 -4.49 -15.28 -10.43
C LYS B 20 -4.86 -14.80 -11.83
N PRO B 21 -4.23 -15.31 -12.88
CA PRO B 21 -4.47 -14.77 -14.22
C PRO B 21 -5.95 -14.87 -14.61
N GLY B 22 -6.41 -13.86 -15.34
CA GLY B 22 -7.78 -13.81 -15.81
C GLY B 22 -8.75 -13.11 -14.89
N THR B 23 -8.44 -12.99 -13.60
CA THR B 23 -9.38 -12.40 -12.67
C THR B 23 -9.39 -10.87 -12.82
N THR B 24 -10.45 -10.25 -12.28
CA THR B 24 -10.54 -8.80 -12.34
C THR B 24 -9.45 -8.14 -11.49
N SER B 25 -8.99 -8.81 -10.43
CA SER B 25 -7.92 -8.24 -9.60
C SER B 25 -6.58 -8.31 -10.30
N TRP B 26 -6.33 -9.38 -11.06
CA TRP B 26 -5.15 -9.45 -11.91
C TRP B 26 -5.14 -8.29 -12.90
N ASN B 27 -6.27 -8.06 -13.56
CA ASN B 27 -6.35 -7.00 -14.57
C ASN B 27 -6.16 -5.63 -13.97
N SER B 28 -6.74 -5.38 -12.78
CA SER B 28 -6.58 -4.05 -12.18
C SER B 28 -5.15 -3.83 -11.70
N VAL B 29 -4.50 -4.88 -11.18
CA VAL B 29 -3.10 -4.77 -10.81
C VAL B 29 -2.23 -4.56 -12.05
N ARG B 30 -2.48 -5.34 -13.12
CA ARG B 30 -1.71 -5.19 -14.35
C ARG B 30 -1.80 -3.76 -14.87
N THR B 31 -3.01 -3.17 -14.85
CA THR B 31 -3.15 -1.79 -15.30
C THR B 31 -2.29 -0.85 -14.46
N GLN B 32 -2.29 -1.03 -13.15
CA GLN B 32 -1.53 -0.15 -12.28
C GLN B 32 -0.02 -0.38 -12.43
N VAL B 33 0.39 -1.62 -12.67
CA VAL B 33 1.81 -1.91 -12.84
C VAL B 33 2.33 -1.21 -14.10
N ARG B 34 1.59 -1.33 -15.20
CA ARG B 34 2.00 -0.70 -16.44
C ARG B 34 2.05 0.82 -16.30
N GLU B 35 1.06 1.40 -15.62
CA GLU B 35 1.02 2.85 -15.42
C GLU B 35 2.19 3.32 -14.57
N ALA B 36 2.47 2.62 -13.46
CA ALA B 36 3.58 3.00 -12.60
C ALA B 36 4.91 2.88 -13.34
N LEU B 37 5.13 1.77 -14.04
CA LEU B 37 6.39 1.55 -14.73
C LEU B 37 6.56 2.47 -15.92
N GLU B 38 5.46 3.01 -16.45
CA GLU B 38 5.55 3.95 -17.55
C GLU B 38 5.87 5.36 -17.07
N GLU B 39 5.33 5.77 -15.92
CA GLU B 39 5.50 7.14 -15.44
C GLU B 39 6.64 7.27 -14.44
N TYR B 40 6.71 6.39 -13.44
CA TYR B 40 7.73 6.42 -12.42
C TYR B 40 8.88 5.45 -12.68
N GLY B 41 8.62 4.39 -13.44
CA GLY B 41 9.58 3.32 -13.55
C GLY B 41 9.72 2.45 -12.33
N CYS B 42 8.87 2.66 -11.33
CA CYS B 42 9.00 1.95 -10.06
C CYS B 42 7.71 2.14 -9.28
N PHE B 43 7.54 1.34 -8.23
CA PHE B 43 6.42 1.50 -7.33
C PHE B 43 6.73 0.79 -6.02
N GLU B 44 6.04 1.21 -4.97
CA GLU B 44 6.02 0.43 -3.73
C GLU B 44 5.10 -0.77 -3.93
N ALA B 45 5.51 -1.92 -3.40
CA ALA B 45 4.77 -3.16 -3.63
C ALA B 45 4.51 -3.88 -2.32
N VAL B 46 3.29 -4.35 -2.15
CA VAL B 46 2.96 -5.31 -1.10
C VAL B 46 3.19 -6.70 -1.67
N ILE B 47 4.12 -7.43 -1.06
CA ILE B 47 4.54 -8.75 -1.54
C ILE B 47 4.49 -9.71 -0.38
N ASP B 48 3.60 -10.71 -0.47
CA ASP B 48 3.53 -11.75 0.55
C ASP B 48 4.02 -13.10 0.04
N ALA B 49 4.70 -13.13 -1.11
CA ALA B 49 5.29 -14.39 -1.58
C ALA B 49 6.39 -14.88 -0.63
N VAL B 50 6.98 -13.98 0.15
CA VAL B 50 8.00 -14.32 1.13
C VAL B 50 7.47 -13.91 2.50
N SER B 51 7.52 -14.84 3.45
CA SER B 51 7.05 -14.57 4.79
C SER B 51 7.96 -13.56 5.48
N PRO B 52 7.47 -12.87 6.52
CA PRO B 52 8.36 -12.01 7.30
C PRO B 52 9.51 -12.78 7.92
N GLU B 53 9.27 -14.03 8.33
CA GLU B 53 10.34 -14.84 8.92
C GLU B 53 11.45 -15.10 7.91
N LEU B 54 11.07 -15.55 6.70
CA LEU B 54 12.08 -15.78 5.66
C LEU B 54 12.78 -14.49 5.28
N GLN B 55 12.03 -13.39 5.20
CA GLN B 55 12.63 -12.10 4.87
C GLN B 55 13.72 -11.72 5.87
N LYS B 56 13.41 -11.84 7.17
CA LYS B 56 14.41 -11.57 8.20
C LYS B 56 15.56 -12.56 8.13
N ALA B 57 15.27 -13.84 7.91
CA ALA B 57 16.32 -14.83 7.80
C ALA B 57 17.29 -14.50 6.66
N VAL B 58 16.76 -14.11 5.50
CA VAL B 58 17.61 -13.74 4.37
C VAL B 58 18.44 -12.51 4.70
N CYS B 59 17.88 -11.57 5.46
CA CYS B 59 18.65 -10.42 5.91
C CYS B 59 19.84 -10.87 6.76
N ASN B 60 19.62 -11.86 7.62
CA ASN B 60 20.72 -12.37 8.44
C ASN B 60 21.78 -13.07 7.60
N LYS B 61 21.35 -13.81 6.57
CA LYS B 61 22.33 -14.48 5.70
C LYS B 61 23.18 -13.47 4.96
N GLY B 62 22.60 -12.36 4.54
CA GLY B 62 23.39 -11.31 3.90
C GLY B 62 24.45 -10.74 4.81
N HIS B 63 24.08 -10.46 6.07
CA HIS B 63 25.07 -10.05 7.06
C HIS B 63 26.12 -11.14 7.25
N GLU B 64 25.68 -12.40 7.35
CA GLU B 64 26.63 -13.51 7.51
C GLU B 64 27.59 -13.57 6.33
N LEU B 65 27.08 -13.39 5.11
CA LEU B 65 27.94 -13.46 3.93
C LEU B 65 28.94 -12.31 3.91
N LEU B 66 28.47 -11.10 4.20
CA LEU B 66 29.34 -9.93 4.12
C LEU B 66 30.33 -9.85 5.29
N ASN B 67 30.12 -10.61 6.35
CA ASN B 67 31.07 -10.64 7.47
C ASN B 67 32.25 -11.56 7.22
N LEU B 68 32.22 -12.31 6.13
CA LEU B 68 33.33 -13.19 5.78
C LEU B 68 34.57 -12.36 5.45
N PRO B 69 35.76 -12.94 5.62
CA PRO B 69 36.99 -12.22 5.26
C PRO B 69 37.01 -11.87 3.78
N LEU B 70 37.75 -10.81 3.45
CA LEU B 70 37.81 -10.33 2.07
C LEU B 70 38.29 -11.44 1.14
N GLU B 71 39.35 -12.15 1.53
CA GLU B 71 39.91 -13.20 0.69
C GLU B 71 38.90 -14.30 0.42
N THR B 72 38.00 -14.58 1.37
CA THR B 72 36.97 -15.58 1.14
C THR B 72 35.94 -15.05 0.15
N LYS B 73 35.48 -13.81 0.33
CA LYS B 73 34.48 -13.24 -0.58
C LYS B 73 35.05 -13.04 -1.98
N MET B 74 36.35 -12.74 -2.09
CA MET B 74 36.98 -12.59 -3.40
C MET B 74 37.02 -13.90 -4.19
N LEU B 75 36.77 -15.04 -3.54
CA LEU B 75 36.63 -16.30 -4.28
C LEU B 75 35.42 -16.29 -5.20
N ASN B 76 34.45 -15.41 -4.96
CA ASN B 76 33.30 -15.28 -5.84
C ASN B 76 33.63 -14.61 -7.17
N GLY B 77 34.86 -14.15 -7.36
CA GLY B 77 35.30 -13.61 -8.63
C GLY B 77 35.46 -12.09 -8.60
N ASN B 78 35.78 -11.55 -9.78
CA ASN B 78 36.10 -10.14 -9.95
C ASN B 78 35.12 -9.47 -10.91
N LYS B 79 33.83 -9.78 -10.78
CA LYS B 79 32.79 -9.21 -11.63
C LYS B 79 31.77 -8.47 -10.76
N PRO B 80 32.15 -7.30 -10.23
CA PRO B 80 31.21 -6.55 -9.38
C PRO B 80 29.98 -6.06 -10.11
N GLU B 81 30.00 -6.04 -11.45
CA GLU B 81 28.81 -5.69 -12.21
C GLU B 81 27.69 -6.70 -11.99
N TYR B 82 28.04 -7.94 -11.64
CA TYR B 82 27.04 -8.97 -11.40
C TYR B 82 27.05 -9.40 -9.94
N ASP B 83 27.96 -10.31 -9.55
CA ASP B 83 27.92 -10.88 -8.21
C ASP B 83 29.17 -10.64 -7.38
N GLY B 84 30.24 -10.06 -7.96
CA GLY B 84 31.49 -9.97 -7.24
C GLY B 84 31.44 -9.01 -6.07
N PHE B 85 32.26 -9.29 -5.06
CA PHE B 85 32.33 -8.41 -3.91
C PHE B 85 32.84 -7.04 -4.34
N THR B 86 32.31 -6.00 -3.70
CA THR B 86 32.67 -4.62 -3.99
C THR B 86 32.54 -3.83 -2.70
N SER B 87 33.32 -2.75 -2.60
CA SER B 87 33.23 -1.93 -1.40
C SER B 87 33.82 -0.55 -1.68
N ILE B 88 33.17 0.47 -1.13
CA ILE B 88 33.76 1.81 -1.01
C ILE B 88 34.15 1.99 0.44
N PRO B 89 35.43 2.25 0.74
CA PRO B 89 35.88 2.24 2.14
C PRO B 89 35.05 3.19 3.00
N ASN B 90 34.64 2.67 4.17
CA ASN B 90 33.88 3.42 5.16
C ASN B 90 32.54 3.92 4.64
N LEU B 91 31.99 3.27 3.60
CA LEU B 91 30.73 3.74 3.04
C LEU B 91 29.76 2.59 2.78
N ASN B 92 30.14 1.65 1.93
CA ASN B 92 29.26 0.54 1.61
C ASN B 92 30.09 -0.64 1.14
N GLU B 93 29.44 -1.80 1.08
CA GLU B 93 30.01 -3.02 0.54
C GLU B 93 28.87 -3.90 0.08
N GLY B 94 29.18 -4.85 -0.81
CA GLY B 94 28.13 -5.75 -1.24
C GLY B 94 28.67 -6.85 -2.13
N MET B 95 27.80 -7.83 -2.38
CA MET B 95 28.09 -8.93 -3.29
C MET B 95 26.80 -9.71 -3.49
N GLY B 96 26.83 -10.63 -4.46
CA GLY B 96 25.64 -11.36 -4.84
C GLY B 96 25.87 -12.85 -4.88
N VAL B 97 24.76 -13.58 -4.88
CA VAL B 97 24.75 -15.01 -5.15
C VAL B 97 24.20 -15.17 -6.56
N GLY B 98 25.08 -15.46 -7.52
CA GLY B 98 24.66 -15.55 -8.90
C GLY B 98 23.84 -16.81 -9.17
N ARG B 99 22.89 -16.68 -10.09
CA ARG B 99 22.01 -17.76 -10.51
C ARG B 99 21.34 -18.42 -9.30
N ILE B 100 20.64 -17.58 -8.54
CA ILE B 100 20.03 -17.99 -7.27
C ILE B 100 18.94 -19.05 -7.46
N THR B 101 18.37 -19.15 -8.66
CA THR B 101 17.33 -20.15 -8.91
C THR B 101 17.90 -21.48 -9.39
N ASP B 102 19.22 -21.61 -9.48
CA ASP B 102 19.89 -22.85 -9.88
C ASP B 102 20.48 -23.46 -8.60
N LEU B 103 19.78 -24.46 -8.05
CA LEU B 103 20.16 -25.01 -6.75
C LEU B 103 21.58 -25.55 -6.77
N GLU B 104 21.98 -26.20 -7.86
CA GLU B 104 23.35 -26.69 -7.99
C GLU B 104 24.36 -25.56 -7.84
N LYS B 105 24.09 -24.41 -8.46
CA LYS B 105 25.02 -23.29 -8.36
C LYS B 105 24.96 -22.65 -6.97
N VAL B 106 23.79 -22.65 -6.34
CA VAL B 106 23.69 -22.11 -4.98
C VAL B 106 24.45 -23.00 -4.00
N GLU B 107 24.32 -24.33 -4.15
CA GLU B 107 25.14 -25.23 -3.34
C GLU B 107 26.62 -24.99 -3.58
N ARG B 108 27.02 -24.83 -4.85
CA ARG B 108 28.42 -24.59 -5.15
C ARG B 108 28.91 -23.30 -4.50
N PHE B 109 28.12 -22.22 -4.60
CA PHE B 109 28.48 -20.97 -3.95
C PHE B 109 28.66 -21.17 -2.45
N THR B 110 27.72 -21.86 -1.82
CA THR B 110 27.74 -22.02 -0.37
C THR B 110 28.99 -22.79 0.08
N ASN B 111 29.32 -23.88 -0.62
CA ASN B 111 30.49 -24.65 -0.24
C ASN B 111 31.78 -23.89 -0.52
N LEU B 112 31.78 -23.03 -1.53
CA LEU B 112 32.94 -22.19 -1.79
C LEU B 112 33.16 -21.19 -0.66
N MET B 113 32.08 -20.62 -0.13
CA MET B 113 32.22 -19.67 0.99
C MET B 113 32.46 -20.38 2.30
N TRP B 114 31.79 -21.51 2.51
CA TRP B 114 31.90 -22.28 3.75
C TRP B 114 32.30 -23.70 3.39
N PRO B 115 33.60 -23.98 3.31
CA PRO B 115 34.03 -25.36 2.98
C PRO B 115 33.44 -26.42 3.89
N GLU B 116 33.23 -26.08 5.17
CA GLU B 116 32.57 -26.97 6.11
C GLU B 116 31.08 -27.11 5.86
N GLY B 117 30.55 -26.41 4.88
CA GLY B 117 29.12 -26.46 4.61
C GLY B 117 28.33 -25.47 5.44
N ASN B 118 27.21 -25.00 4.88
CA ASN B 118 26.32 -24.07 5.56
C ASN B 118 24.91 -24.31 5.01
N LYS B 119 24.27 -25.37 5.53
CA LYS B 119 23.01 -25.82 4.99
C LYS B 119 21.92 -24.75 5.14
N ASP B 120 21.90 -24.06 6.28
CA ASP B 120 20.82 -23.10 6.52
C ASP B 120 20.95 -21.87 5.63
N PHE B 121 22.18 -21.44 5.32
CA PHE B 121 22.36 -20.36 4.35
C PHE B 121 21.81 -20.76 2.99
N CYS B 122 22.20 -21.93 2.50
CA CYS B 122 21.87 -22.36 1.15
C CYS B 122 20.36 -22.53 0.99
N GLU B 123 19.71 -23.18 1.95
CA GLU B 123 18.26 -23.36 1.87
C GLU B 123 17.52 -22.05 1.96
N THR B 124 18.00 -21.13 2.81
CA THR B 124 17.31 -19.86 3.00
C THR B 124 17.36 -19.00 1.75
N VAL B 125 18.57 -18.82 1.17
CA VAL B 125 18.68 -17.92 0.02
C VAL B 125 18.04 -18.55 -1.23
N TYR B 126 18.11 -19.86 -1.37
CA TYR B 126 17.50 -20.50 -2.53
C TYR B 126 15.98 -20.37 -2.49
N SER B 127 15.38 -20.60 -1.32
CA SER B 127 13.94 -20.47 -1.20
C SER B 127 13.49 -19.04 -1.42
N TYR B 128 14.28 -18.08 -0.96
CA TYR B 128 13.96 -16.67 -1.22
C TYR B 128 14.07 -16.36 -2.71
N GLY B 129 15.18 -16.77 -3.33
CA GLY B 129 15.36 -16.48 -4.75
C GLY B 129 14.28 -17.06 -5.63
N LYS B 130 13.89 -18.31 -5.36
CA LYS B 130 12.84 -18.95 -6.15
C LYS B 130 11.51 -18.22 -5.98
N ARG B 131 11.16 -17.85 -4.75
CA ARG B 131 9.88 -17.19 -4.52
C ARG B 131 9.84 -15.82 -5.17
N MET B 132 10.93 -15.06 -5.10
CA MET B 132 10.92 -13.74 -5.72
C MET B 132 11.02 -13.84 -7.23
N ALA B 133 11.60 -14.92 -7.75
CA ALA B 133 11.56 -15.14 -9.19
C ALA B 133 10.14 -15.34 -9.68
N GLU B 134 9.27 -15.94 -8.87
CA GLU B 134 7.87 -16.09 -9.25
C GLU B 134 7.18 -14.74 -9.37
N VAL B 135 7.44 -13.83 -8.42
CA VAL B 135 6.87 -12.48 -8.51
C VAL B 135 7.40 -11.77 -9.75
N ASP B 136 8.71 -11.87 -9.98
CA ASP B 136 9.31 -11.28 -11.18
C ASP B 136 8.65 -11.83 -12.43
N HIS B 137 8.42 -13.14 -12.47
CA HIS B 137 7.79 -13.76 -13.64
C HIS B 137 6.39 -13.22 -13.87
N ILE B 138 5.59 -13.14 -12.80
CA ILE B 138 4.23 -12.64 -12.94
C ILE B 138 4.22 -11.18 -13.41
N LEU B 139 5.10 -10.36 -12.85
CA LEU B 139 5.14 -8.95 -13.24
C LEU B 139 5.49 -8.79 -14.73
N LYS B 140 6.46 -9.57 -15.22
CA LYS B 140 6.79 -9.52 -16.63
C LYS B 140 5.61 -9.97 -17.48
N MET B 141 4.87 -10.98 -17.01
CA MET B 141 3.68 -11.43 -17.71
C MET B 141 2.65 -10.31 -17.83
N MET B 142 2.47 -9.54 -16.77
CA MET B 142 1.50 -8.44 -16.83
C MET B 142 1.96 -7.35 -17.79
N VAL B 143 3.24 -7.01 -17.76
CA VAL B 143 3.75 -5.99 -18.67
C VAL B 143 3.56 -6.44 -20.12
N PHE B 144 3.94 -7.68 -20.42
CA PHE B 144 3.76 -8.20 -21.78
C PHE B 144 2.29 -8.17 -22.18
N GLU B 145 1.39 -8.54 -21.28
CA GLU B 145 -0.04 -8.48 -21.59
C GLU B 145 -0.46 -7.06 -21.91
N SER B 146 0.05 -6.08 -21.16
CA SER B 146 -0.38 -4.70 -21.35
C SER B 146 0.06 -4.14 -22.70
N PHE B 147 1.09 -4.72 -23.32
CA PHE B 147 1.52 -4.34 -24.66
C PHE B 147 0.98 -5.25 -25.74
N GLY B 148 0.13 -6.23 -25.39
CA GLY B 148 -0.33 -7.21 -26.35
C GLY B 148 0.78 -8.08 -26.90
N MET B 149 1.84 -8.31 -26.13
CA MET B 149 3.03 -9.01 -26.58
C MET B 149 3.12 -10.43 -26.05
N GLU B 150 1.95 -11.05 -25.78
CA GLU B 150 1.91 -12.36 -25.12
C GLU B 150 2.67 -13.42 -25.91
N LYS B 151 2.63 -13.35 -27.24
CA LYS B 151 3.28 -14.38 -28.06
C LYS B 151 4.79 -14.36 -27.92
N HIS B 152 5.38 -13.27 -27.43
CA HIS B 152 6.82 -13.18 -27.24
C HIS B 152 7.26 -13.54 -25.82
N PHE B 153 6.31 -13.86 -24.94
CA PHE B 153 6.63 -13.89 -23.51
C PHE B 153 7.47 -15.11 -23.15
N ASP B 154 7.07 -16.30 -23.59
CA ASP B 154 7.78 -17.52 -23.24
C ASP B 154 9.24 -17.48 -23.69
N SER B 155 9.48 -17.02 -24.92
CA SER B 155 10.86 -16.95 -25.42
C SER B 155 11.68 -15.94 -24.64
N PHE B 156 11.07 -14.81 -24.27
CA PHE B 156 11.76 -13.81 -23.48
C PHE B 156 12.14 -14.35 -22.11
N CYS B 157 11.34 -15.25 -21.56
CA CYS B 157 11.55 -15.74 -20.20
C CYS B 157 12.43 -16.99 -20.14
N GLU B 158 12.69 -17.63 -21.27
CA GLU B 158 13.46 -18.85 -21.27
C GLU B 158 14.87 -18.61 -20.74
N SER B 159 15.25 -19.37 -19.70
CA SER B 159 16.59 -19.31 -19.12
C SER B 159 16.90 -17.91 -18.57
N THR B 160 15.91 -17.31 -17.91
CA THR B 160 16.15 -16.04 -17.23
C THR B 160 17.21 -16.24 -16.14
N ASN B 161 18.17 -15.32 -16.08
CA ASN B 161 19.21 -15.32 -15.05
C ASN B 161 18.71 -14.53 -13.85
N TYR B 162 18.77 -15.14 -12.66
CA TYR B 162 18.30 -14.50 -11.44
C TYR B 162 19.46 -14.28 -10.48
N LEU B 163 19.48 -13.10 -9.85
CA LEU B 163 20.56 -12.70 -8.97
C LEU B 163 19.98 -12.26 -7.63
N LEU B 164 20.58 -12.75 -6.55
CA LEU B 164 20.31 -12.26 -5.20
C LEU B 164 21.53 -11.43 -4.78
N HIS B 165 21.31 -10.15 -4.48
CA HIS B 165 22.41 -9.23 -4.22
C HIS B 165 22.17 -8.48 -2.91
N PHE B 166 23.23 -8.34 -2.11
CA PHE B 166 23.17 -7.67 -0.83
C PHE B 166 24.05 -6.43 -0.85
N MET B 167 23.54 -5.33 -0.30
CA MET B 167 24.28 -4.08 -0.16
C MET B 167 24.19 -3.66 1.30
N ARG B 168 25.34 -3.42 1.93
CA ARG B 168 25.39 -3.00 3.32
C ARG B 168 26.04 -1.63 3.45
N TYR B 169 25.48 -0.80 4.33
CA TYR B 169 25.93 0.58 4.52
C TYR B 169 26.16 0.82 5.99
N GLN B 170 27.38 1.20 6.35
CA GLN B 170 27.69 1.40 7.76
C GLN B 170 27.01 2.66 8.28
N GLN B 171 26.80 2.68 9.60
CA GLN B 171 26.23 3.83 10.28
C GLN B 171 26.95 5.11 9.85
N PRO B 172 26.21 6.13 9.39
CA PRO B 172 26.90 7.34 8.89
C PRO B 172 27.45 8.22 9.99
N GLY B 173 27.02 8.04 11.24
CA GLY B 173 27.53 8.83 12.34
C GLY B 173 26.88 10.18 12.54
N LYS B 174 25.79 10.46 11.83
CA LYS B 174 25.14 11.76 11.93
C LYS B 174 23.70 11.65 11.45
N ASP B 175 22.88 12.59 11.91
CA ASP B 175 21.52 12.74 11.41
C ASP B 175 21.55 13.45 10.06
N GLY B 176 20.37 13.74 9.52
CA GLY B 176 20.31 14.38 8.23
C GLY B 176 20.66 13.41 7.11
N ARG B 177 20.87 13.99 5.94
CA ARG B 177 21.10 13.22 4.73
C ARG B 177 22.57 12.83 4.60
N SER B 178 22.81 11.54 4.39
CA SER B 178 24.17 11.02 4.17
C SER B 178 24.18 10.19 2.89
N PRO B 179 24.71 10.74 1.79
CA PRO B 179 24.81 9.96 0.55
C PRO B 179 25.61 8.69 0.77
N ALA B 180 25.06 7.57 0.28
CA ALA B 180 25.66 6.26 0.52
C ALA B 180 25.81 5.38 -0.70
N LEU B 181 25.13 5.67 -1.82
CA LEU B 181 25.35 4.94 -3.05
C LEU B 181 25.12 5.86 -4.24
N SER B 182 26.02 5.78 -5.22
CA SER B 182 26.00 6.70 -6.35
C SER B 182 24.78 6.48 -7.24
N LEU B 183 24.40 7.55 -7.93
CA LEU B 183 23.26 7.52 -8.83
C LEU B 183 23.49 6.56 -9.99
N HIS B 184 22.45 5.85 -10.40
CA HIS B 184 22.58 4.89 -11.48
C HIS B 184 21.20 4.43 -11.92
N LYS B 185 21.19 3.75 -13.06
CA LYS B 185 20.07 2.94 -13.51
C LYS B 185 20.47 1.48 -13.42
N ASP B 186 19.53 0.62 -13.01
CA ASP B 186 19.80 -0.81 -13.03
C ASP B 186 19.84 -1.32 -14.47
N LYS B 187 20.63 -2.36 -14.70
CA LYS B 187 20.75 -3.01 -16.00
C LYS B 187 19.98 -4.31 -16.07
N SER B 188 19.05 -4.52 -15.15
CA SER B 188 18.24 -5.71 -15.08
C SER B 188 17.01 -5.57 -16.00
N ILE B 189 16.18 -6.61 -16.00
CA ILE B 189 14.82 -6.52 -16.52
C ILE B 189 13.97 -5.85 -15.44
N LEU B 190 13.81 -6.53 -14.30
CA LEU B 190 13.18 -5.96 -13.12
C LEU B 190 14.08 -6.17 -11.91
N THR B 191 13.96 -5.26 -10.94
CA THR B 191 14.66 -5.37 -9.65
C THR B 191 13.63 -5.24 -8.53
N ILE B 192 13.68 -6.17 -7.57
CA ILE B 192 12.80 -6.14 -6.40
C ILE B 192 13.66 -5.97 -5.16
N VAL B 193 13.36 -4.95 -4.38
CA VAL B 193 14.22 -4.52 -3.27
C VAL B 193 13.44 -4.58 -1.97
N ASN B 194 14.06 -5.15 -0.94
CA ASN B 194 13.60 -5.03 0.44
C ASN B 194 14.65 -4.27 1.23
N GLN B 195 14.23 -3.18 1.88
CA GLN B 195 15.13 -2.31 2.61
C GLN B 195 15.34 -2.72 4.06
N ASN B 196 14.74 -3.83 4.50
CA ASN B 196 14.96 -4.39 5.83
C ASN B 196 14.81 -3.32 6.91
N ASP B 197 13.76 -2.52 6.77
CA ASP B 197 13.24 -1.55 7.75
C ASP B 197 14.09 -0.29 7.90
N VAL B 198 15.07 -0.05 7.03
CA VAL B 198 15.86 1.18 7.06
C VAL B 198 15.79 1.79 5.67
N LYS B 199 15.09 2.92 5.55
CA LYS B 199 14.90 3.55 4.26
C LYS B 199 16.22 4.16 3.76
N GLY B 200 16.21 4.61 2.51
CA GLY B 200 17.39 5.19 1.92
C GLY B 200 17.35 5.21 0.41
N LEU B 201 16.77 4.17 -0.19
CA LEU B 201 16.59 4.14 -1.63
C LEU B 201 15.77 5.36 -2.08
N GLU B 202 16.29 6.07 -3.08
CA GLU B 202 15.77 7.37 -3.47
C GLU B 202 15.73 7.46 -4.99
N PHE B 203 14.57 7.81 -5.54
CA PHE B 203 14.36 7.82 -6.98
C PHE B 203 14.22 9.25 -7.50
N GLU B 204 14.77 9.51 -8.69
CA GLU B 204 14.48 10.74 -9.39
C GLU B 204 13.30 10.50 -10.33
N THR B 205 12.40 11.49 -10.41
CA THR B 205 11.33 11.44 -11.37
C THR B 205 11.81 11.97 -12.72
N LYS B 206 11.00 11.75 -13.76
CA LYS B 206 11.30 12.33 -15.07
C LYS B 206 11.46 13.84 -14.99
N ASP B 207 10.71 14.48 -14.09
CA ASP B 207 10.70 15.93 -13.95
C ASP B 207 11.82 16.45 -13.05
N GLY B 208 12.64 15.57 -12.46
CA GLY B 208 13.74 16.02 -11.64
C GLY B 208 13.44 16.17 -10.16
N GLU B 209 12.29 15.68 -9.70
CA GLU B 209 12.02 15.61 -8.27
C GLU B 209 12.58 14.31 -7.70
N TRP B 210 12.70 14.25 -6.38
CA TRP B 210 13.28 13.11 -5.69
C TRP B 210 12.27 12.49 -4.75
N ILE B 211 12.14 11.16 -4.80
CA ILE B 211 11.17 10.43 -4.00
C ILE B 211 11.93 9.42 -3.15
N LEU B 212 11.81 9.55 -1.83
CA LEU B 212 12.46 8.65 -0.88
C LEU B 212 11.38 7.91 -0.12
N PRO B 213 11.04 6.69 -0.53
CA PRO B 213 9.95 5.96 0.15
C PRO B 213 10.33 5.59 1.57
N THR B 214 9.28 5.35 2.38
CA THR B 214 9.49 4.71 3.66
C THR B 214 9.92 3.25 3.45
N ALA B 215 10.29 2.59 4.54
CA ALA B 215 10.63 1.17 4.48
C ALA B 215 9.42 0.29 4.74
N ASP B 216 8.20 0.80 4.54
CA ASP B 216 7.00 0.01 4.81
C ASP B 216 6.91 -1.20 3.88
N ASN B 217 7.18 -1.01 2.59
CA ASN B 217 6.86 -2.01 1.58
C ASN B 217 8.10 -2.36 0.77
N HIS B 218 7.97 -3.41 -0.03
CA HIS B 218 8.98 -3.69 -1.05
C HIS B 218 8.99 -2.58 -2.09
N ILE B 219 10.05 -2.57 -2.90
CA ILE B 219 10.19 -1.66 -4.03
C ILE B 219 10.45 -2.48 -5.27
N VAL B 220 9.67 -2.24 -6.32
CA VAL B 220 9.92 -2.82 -7.64
C VAL B 220 10.38 -1.70 -8.55
N LEU B 221 11.45 -1.94 -9.29
CA LEU B 221 11.92 -0.94 -10.25
C LEU B 221 12.33 -1.60 -11.55
N LEU B 222 12.22 -0.82 -12.62
CA LEU B 222 12.53 -1.27 -13.97
C LEU B 222 14.01 -1.03 -14.28
N GLY B 223 14.65 -2.03 -14.88
CA GLY B 223 16.01 -1.88 -15.35
C GLY B 223 16.06 -1.58 -16.85
N ASP B 224 17.28 -1.25 -17.32
CA ASP B 224 17.45 -0.80 -18.70
C ASP B 224 17.10 -1.89 -19.71
N CYS B 225 17.22 -3.17 -19.33
CA CYS B 225 16.85 -4.25 -20.26
C CYS B 225 15.37 -4.18 -20.61
N PHE B 226 14.51 -3.95 -19.61
CA PHE B 226 13.08 -3.88 -19.88
C PHE B 226 12.72 -2.57 -20.59
N MET B 227 13.42 -1.49 -20.26
CA MET B 227 13.23 -0.22 -20.97
C MET B 227 13.50 -0.40 -22.46
N ALA B 228 14.65 -1.00 -22.79
CA ALA B 228 15.04 -1.16 -24.18
C ALA B 228 14.10 -2.12 -24.91
N TRP B 229 13.71 -3.23 -24.26
CA TRP B 229 12.71 -4.12 -24.87
C TRP B 229 11.45 -3.36 -25.24
N SER B 230 11.02 -2.44 -24.38
CA SER B 230 9.81 -1.65 -24.59
C SER B 230 10.00 -0.51 -25.57
N ASN B 231 11.21 -0.34 -26.13
CA ASN B 231 11.53 0.77 -27.03
C ASN B 231 11.33 2.11 -26.33
N GLY B 232 11.76 2.18 -25.08
CA GLY B 232 11.66 3.40 -24.31
C GLY B 232 10.27 3.74 -23.81
N ARG B 233 9.28 2.87 -24.04
CA ARG B 233 7.92 3.17 -23.60
C ARG B 233 7.79 3.07 -22.09
N LEU B 234 8.54 2.17 -21.46
CA LEU B 234 8.66 2.16 -20.01
C LEU B 234 9.92 2.91 -19.61
N HIS B 235 9.94 3.37 -18.36
CA HIS B 235 11.01 4.23 -17.85
C HIS B 235 11.89 3.46 -16.88
N SER B 236 13.20 3.41 -17.14
CA SER B 236 14.13 2.91 -16.13
C SER B 236 14.58 4.06 -15.26
N PRO B 237 14.30 4.06 -13.97
CA PRO B 237 14.52 5.27 -13.16
C PRO B 237 15.94 5.38 -12.62
N LEU B 238 16.45 6.61 -12.63
CA LEU B 238 17.67 6.91 -11.91
C LEU B 238 17.42 6.82 -10.42
N HIS B 239 18.32 6.16 -9.69
CA HIS B 239 18.12 6.02 -8.25
C HIS B 239 19.46 5.96 -7.54
N ARG B 240 19.42 6.25 -6.25
CA ARG B 240 20.60 6.33 -5.40
C ARG B 240 20.18 5.94 -3.99
N VAL B 241 21.13 5.98 -3.06
CA VAL B 241 20.84 5.74 -1.64
C VAL B 241 21.29 6.96 -0.84
N THR B 242 20.37 7.50 -0.05
CA THR B 242 20.68 8.56 0.91
C THR B 242 20.14 8.13 2.26
N LEU B 243 21.04 7.76 3.17
CA LEU B 243 20.61 7.51 4.54
C LEU B 243 20.11 8.80 5.17
N VAL B 244 19.01 8.71 5.89
CA VAL B 244 18.40 9.87 6.53
C VAL B 244 18.31 9.68 8.04
N ALA B 245 19.11 8.75 8.58
CA ALA B 245 19.15 8.48 10.00
C ALA B 245 20.51 7.89 10.32
N ASN B 246 20.87 7.94 11.60
CA ASN B 246 22.17 7.42 12.04
C ASN B 246 22.01 5.93 12.42
N GLN B 247 21.81 5.12 11.37
CA GLN B 247 21.75 3.67 11.56
C GLN B 247 22.27 2.99 10.31
N ALA B 248 22.87 1.82 10.51
CA ALA B 248 23.34 1.02 9.39
C ALA B 248 22.15 0.45 8.63
N ARG B 249 22.41 0.04 7.39
CA ARG B 249 21.36 -0.40 6.49
C ARG B 249 21.88 -1.55 5.65
N LEU B 250 21.01 -2.53 5.42
CA LEU B 250 21.28 -3.63 4.51
C LEU B 250 20.07 -3.81 3.60
N SER B 251 20.30 -3.86 2.30
CA SER B 251 19.24 -4.08 1.33
C SER B 251 19.37 -5.46 0.72
N THR B 252 18.23 -6.10 0.48
CA THR B 252 18.14 -7.38 -0.20
C THR B 252 17.48 -7.14 -1.55
N SER B 253 18.16 -7.52 -2.63
CA SER B 253 17.67 -7.20 -3.97
C SER B 253 17.65 -8.44 -4.84
N SER B 254 16.61 -8.54 -5.67
CA SER B 254 16.45 -9.62 -6.65
C SER B 254 16.42 -9.01 -8.04
N PHE B 255 17.40 -9.41 -8.86
CA PHE B 255 17.55 -8.94 -10.24
C PHE B 255 17.24 -10.08 -11.20
N SER B 256 16.53 -9.78 -12.27
CA SER B 256 16.39 -10.70 -13.39
C SER B 256 17.14 -10.13 -14.59
N PHE B 257 17.86 -11.01 -15.28
CA PHE B 257 18.64 -10.68 -16.46
C PHE B 257 18.27 -11.61 -17.60
N PRO B 258 18.31 -11.13 -18.84
CA PRO B 258 18.00 -12.01 -19.97
C PRO B 258 19.05 -13.10 -20.11
N LYS B 259 18.64 -14.19 -20.77
CA LYS B 259 19.56 -15.27 -21.08
C LYS B 259 20.82 -14.73 -21.76
N ASP B 260 20.64 -13.91 -22.79
CA ASP B 260 21.77 -13.29 -23.46
C ASP B 260 21.39 -11.97 -24.14
N ILE B 261 20.51 -12.04 -25.14
CA ILE B 261 20.19 -10.94 -26.04
C ILE B 261 18.91 -10.26 -25.60
N ILE B 262 18.92 -8.92 -25.58
CA ILE B 262 17.72 -8.10 -25.53
C ILE B 262 17.47 -7.55 -26.93
N GLU B 263 16.24 -7.66 -27.42
CA GLU B 263 15.88 -7.16 -28.74
C GLU B 263 14.48 -6.58 -28.68
N THR B 264 14.30 -5.38 -29.23
CA THR B 264 13.02 -4.71 -29.20
C THR B 264 12.06 -5.35 -30.21
N PRO B 265 10.88 -5.79 -29.78
CA PRO B 265 9.90 -6.31 -30.75
C PRO B 265 9.57 -5.26 -31.80
N ALA B 266 9.46 -5.72 -33.05
CA ALA B 266 9.12 -4.82 -34.15
C ALA B 266 7.76 -4.16 -33.93
N GLU B 267 6.86 -4.81 -33.19
CA GLU B 267 5.54 -4.23 -32.96
C GLU B 267 5.57 -3.04 -32.02
N LEU B 268 6.66 -2.85 -31.27
CA LEU B 268 6.81 -1.70 -30.40
C LEU B 268 7.57 -0.55 -31.07
N VAL B 269 7.77 -0.64 -32.38
CA VAL B 269 8.39 0.41 -33.18
C VAL B 269 7.35 0.90 -34.18
N ASP B 270 7.20 2.21 -34.31
CA ASP B 270 6.28 2.78 -35.28
C ASP B 270 6.78 4.17 -35.67
N GLU B 271 5.92 4.92 -36.36
CA GLU B 271 6.31 6.23 -36.88
C GLU B 271 6.72 7.18 -35.75
N GLU B 272 5.93 7.23 -34.69
CA GLU B 272 6.23 8.11 -33.56
C GLU B 272 7.21 7.48 -32.57
N HIS B 273 7.45 6.18 -32.65
CA HIS B 273 8.39 5.48 -31.77
C HIS B 273 9.43 4.76 -32.64
N PRO B 274 10.36 5.50 -33.26
CA PRO B 274 11.42 4.83 -34.01
C PRO B 274 12.30 4.00 -33.08
N LEU B 275 12.97 3.00 -33.65
CA LEU B 275 13.77 2.08 -32.85
C LEU B 275 14.91 2.81 -32.17
N LEU B 276 14.96 2.73 -30.83
CA LEU B 276 15.98 3.42 -30.07
C LEU B 276 17.25 2.58 -29.87
N PHE B 277 17.11 1.27 -29.70
CA PHE B 277 18.25 0.42 -29.37
C PHE B 277 18.24 -0.80 -30.28
N ASN B 278 19.36 -1.03 -30.97
CA ASN B 278 19.61 -2.29 -31.64
C ASN B 278 19.83 -3.39 -30.60
N PRO B 279 19.76 -4.66 -31.00
CA PRO B 279 19.97 -5.74 -30.03
C PRO B 279 21.33 -5.63 -29.34
N PHE B 280 21.39 -6.05 -28.08
CA PHE B 280 22.65 -6.03 -27.34
C PHE B 280 22.73 -7.21 -26.39
N GLU B 281 23.97 -7.54 -26.01
CA GLU B 281 24.27 -8.61 -25.06
C GLU B 281 24.36 -8.04 -23.65
N ILE B 282 23.78 -8.76 -22.69
CA ILE B 282 23.73 -8.23 -21.32
C ILE B 282 25.11 -8.29 -20.66
N THR B 283 25.85 -9.39 -20.88
CA THR B 283 27.16 -9.50 -20.26
CA THR B 283 27.17 -9.51 -20.27
C THR B 283 28.11 -8.43 -20.80
N GLU B 284 28.00 -8.11 -22.09
CA GLU B 284 28.82 -7.03 -22.64
C GLU B 284 28.43 -5.67 -22.05
N LEU B 285 27.13 -5.39 -21.94
CA LEU B 285 26.69 -4.12 -21.38
C LEU B 285 27.16 -3.97 -19.93
N LEU B 286 26.94 -5.02 -19.12
CA LEU B 286 27.34 -4.96 -17.71
C LEU B 286 28.84 -4.68 -17.58
N ALA B 287 29.66 -5.34 -18.40
CA ALA B 287 31.10 -5.15 -18.31
C ALA B 287 31.50 -3.75 -18.76
N TYR B 288 30.86 -3.24 -19.82
CA TYR B 288 31.19 -1.93 -20.32
C TYR B 288 30.94 -0.85 -19.27
N CYS B 289 29.87 -1.00 -18.49
CA CYS B 289 29.49 0.02 -17.52
C CYS B 289 30.47 0.10 -16.35
N PHE B 290 31.31 -0.92 -16.14
CA PHE B 290 32.28 -0.90 -15.05
C PHE B 290 33.70 -0.68 -15.56
N THR B 291 33.86 -0.07 -16.73
CA THR B 291 35.17 0.30 -17.24
C THR B 291 35.42 1.79 -17.03
N ASP B 300 22.56 5.89 -18.42
CA ASP B 300 22.06 6.26 -19.75
C ASP B 300 22.50 5.25 -20.79
N LEU B 301 21.56 4.39 -21.19
CA LEU B 301 21.83 3.41 -22.25
C LEU B 301 22.13 4.09 -23.58
N LYS B 302 21.68 5.34 -23.77
CA LYS B 302 21.99 6.06 -25.01
C LYS B 302 23.48 6.23 -25.22
N GLN B 303 24.29 6.11 -24.18
CA GLN B 303 25.74 6.17 -24.28
C GLN B 303 26.35 4.87 -24.79
N TYR B 304 25.59 3.78 -24.78
CA TYR B 304 26.07 2.48 -25.24
C TYR B 304 25.95 2.36 -26.75
N LYS B 305 26.76 1.47 -27.32
CA LYS B 305 26.82 1.34 -28.77
C LYS B 305 25.50 0.89 -29.39
N ALA B 306 24.60 0.29 -28.59
CA ALA B 306 23.32 -0.16 -29.12
C ALA B 306 22.39 0.99 -29.51
N TYR B 307 22.63 2.19 -28.98
CA TYR B 307 21.78 3.33 -29.29
C TYR B 307 21.85 3.66 -30.78
N THR B 308 20.68 3.85 -31.39
CA THR B 308 20.57 4.09 -32.82
C THR B 308 20.73 5.55 -33.22
N GLY B 309 20.63 6.47 -32.27
CA GLY B 309 20.54 7.87 -32.60
C GLY B 309 19.13 8.37 -32.89
N ALA B 310 18.13 7.48 -32.88
CA ALA B 310 16.78 7.91 -33.19
C ALA B 310 16.19 8.73 -32.05
N LEU B 311 15.18 9.53 -32.40
CA LEU B 311 14.54 10.41 -31.43
C LEU B 311 13.57 9.63 -30.53
N GLU B 312 13.51 10.03 -29.27
CA GLU B 312 12.51 9.49 -28.36
C GLU B 312 11.13 10.02 -28.74
N HIS B 313 10.10 9.39 -28.16
CA HIS B 313 8.73 9.66 -28.59
C HIS B 313 8.37 11.13 -28.40
N HIS B 314 8.73 11.72 -27.25
CA HIS B 314 8.37 13.10 -26.98
C HIS B 314 9.08 14.09 -27.90
N HIS B 315 10.03 13.63 -28.72
CA HIS B 315 10.70 14.47 -29.69
C HIS B 315 10.22 14.22 -31.11
N HIS B 316 9.20 13.38 -31.30
CA HIS B 316 8.65 13.18 -32.64
C HIS B 316 8.14 14.50 -33.19
N HIS B 317 8.48 14.79 -34.44
CA HIS B 317 8.24 16.11 -35.03
C HIS B 317 6.85 16.14 -35.65
N HIS B 318 5.93 16.86 -35.01
CA HIS B 318 4.61 17.12 -35.57
C HIS B 318 4.15 18.51 -35.12
FE FE C . -16.22 0.85 14.71
C1 AKG D . -15.70 2.83 16.56
O1 AKG D . -15.67 3.86 17.29
O2 AKG D . -16.75 2.51 15.93
C2 AKG D . -14.43 2.00 16.43
O5 AKG D . -14.42 0.97 15.83
C3 AKG D . -13.14 2.48 17.09
C4 AKG D . -12.07 1.45 16.74
C5 AKG D . -10.69 2.04 17.00
O3 AKG D . -10.44 2.60 18.10
O4 AKG D . -9.83 1.93 16.09
FE FE E . 20.10 -0.02 -8.31
C1 AKG F . 21.72 -1.61 -6.78
O1 AKG F . 22.52 -2.46 -6.31
O2 AKG F . 21.53 -1.54 -8.02
C2 AKG F . 20.99 -0.66 -5.81
O5 AKG F . 20.27 0.21 -6.21
C3 AKG F . 21.15 -0.86 -4.31
C4 AKG F . 20.25 0.17 -3.65
C5 AKG F . 19.92 -0.25 -2.23
O3 AKG F . 20.86 -0.52 -1.42
O4 AKG F . 18.72 -0.31 -1.87
#